data_3SUU
#
_entry.id   3SUU
#
_cell.length_a   95.439
_cell.length_b   102.626
_cell.length_c   108.236
_cell.angle_alpha   90.00
_cell.angle_beta   90.00
_cell.angle_gamma   90.00
#
_symmetry.space_group_name_H-M   'C 2 2 21'
#
loop_
_entity.id
_entity.type
_entity.pdbx_description
1 polymer Beta-hexosaminidase
2 non-polymer 'SULFATE ION'
3 non-polymer '[(Z)-[(3R,4R,5R,6R)-3-acetamido-6-(hydroxymethyl)-4,5-bis(oxidanyl)oxan-2-ylidene]amino] N-phenylcarbamate'
4 water water
#
_entity_poly.entity_id   1
_entity_poly.type   'polypeptide(L)'
_entity_poly.pdbx_seq_one_letter_code
;MGSSHHHHHHSSGLVPRGSHMASMMSFIPESASASTSQPSILPKPVSYTVGSGQFVLTKNASIFVAGNNVGETDELFNIG
QALAKKLNASTGYTISVVKSNQPTAGSIYLTTVGGNAALGNEGYDLITTSNQVTLTANKPEGVFRGNQTLLQLLPAGIEK
NTVVSGVQWVIPHSNISDKPEYEYRGLMLDVARHFFTVDEVKRQIDLASQYKINKFHMHLSDDQGWRIEIKSWPDLIEIG
SKGQVGGGPGGYYTQEQFKDIVSYAAERYIEVIPEIDMPGHTNAALASYGELNPDGKRKAMRTDTAVGYSTLMPRAEITY
QFVEDVISELAAISPSPYIHLGGDESNATSAADYDYFFGRVTAIANSYGKKVVGWDPSDTSSGATSDSVLQNWTCSASTG
TAAKAKGMKVIVSPANAYLDMKYYSDSPIGLQWRGFVNTNRAYNWDPTDCIKGANIYGVESTLWTETFVTQDHLDYMLYP
KLLSNAEVGWTARGDRNWDDFKERLIEHTPRLQNKGIKFFADPIV
;
_entity_poly.pdbx_strand_id   A
#
loop_
_chem_comp.id
_chem_comp.type
_chem_comp.name
_chem_comp.formula
OGN non-polymer '[(Z)-[(3R,4R,5R,6R)-3-acetamido-6-(hydroxymethyl)-4,5-bis(oxidanyl)oxan-2-ylidene]amino] N-phenylcarbamate' 'C15 H19 N3 O7'
SO4 non-polymer 'SULFATE ION' 'O4 S -2'
#
# COMPACT_ATOMS: atom_id res chain seq x y z
N HIS A 7 -23.25 -7.70 31.63
CA HIS A 7 -23.54 -7.12 30.28
C HIS A 7 -23.60 -8.19 29.19
N HIS A 8 -24.28 -7.85 28.09
CA HIS A 8 -24.53 -8.79 27.01
C HIS A 8 -23.75 -8.38 25.77
N HIS A 9 -23.13 -9.37 25.13
CA HIS A 9 -22.26 -9.13 23.98
C HIS A 9 -22.56 -10.13 22.88
N HIS A 10 -22.22 -9.77 21.64
CA HIS A 10 -22.38 -10.68 20.51
C HIS A 10 -21.39 -10.36 19.39
N SER A 11 -21.16 -11.35 18.54
CA SER A 11 -20.42 -11.18 17.30
C SER A 11 -21.39 -11.02 16.13
N SER A 12 -20.90 -10.50 15.01
CA SER A 12 -21.74 -10.23 13.82
C SER A 12 -21.96 -11.45 12.94
N GLY A 13 -23.20 -11.59 12.48
CA GLY A 13 -23.52 -12.55 11.42
C GLY A 13 -23.83 -11.80 10.13
N LEU A 14 -24.23 -12.53 9.10
CA LEU A 14 -24.61 -11.89 7.84
C LEU A 14 -25.88 -11.06 8.01
N VAL A 15 -26.00 -10.00 7.23
CA VAL A 15 -27.13 -9.10 7.33
C VAL A 15 -28.37 -9.75 6.72
N PRO A 16 -29.50 -9.75 7.47
CA PRO A 16 -30.73 -10.25 6.88
C PRO A 16 -31.09 -9.48 5.61
N ARG A 17 -31.46 -10.22 4.57
CA ARG A 17 -31.92 -9.67 3.29
C ARG A 17 -30.79 -9.09 2.43
N GLY A 18 -29.54 -9.40 2.79
CA GLY A 18 -28.41 -9.11 1.90
C GLY A 18 -27.54 -7.94 2.35
N SER A 19 -26.42 -7.76 1.65
CA SER A 19 -25.50 -6.68 1.96
C SER A 19 -26.17 -5.31 1.89
N HIS A 20 -25.89 -4.45 2.88
CA HIS A 20 -26.25 -3.04 2.78
C HIS A 20 -25.51 -2.32 1.64
N MET A 21 -24.39 -2.90 1.20
CA MET A 21 -23.60 -2.35 0.10
C MET A 21 -24.17 -2.65 -1.28
N SER A 37 -23.21 17.18 4.93
CA SER A 37 -24.15 16.76 5.97
C SER A 37 -23.87 15.36 6.52
N GLN A 38 -23.33 14.47 5.68
CA GLN A 38 -22.86 13.16 6.14
C GLN A 38 -21.46 12.80 5.61
N PRO A 39 -20.41 13.34 6.27
CA PRO A 39 -19.03 12.94 5.99
C PRO A 39 -18.82 11.45 6.23
N SER A 40 -17.84 10.88 5.53
CA SER A 40 -17.57 9.46 5.67
C SER A 40 -16.08 9.22 5.78
N ILE A 41 -15.54 9.49 6.97
CA ILE A 41 -14.09 9.40 7.21
C ILE A 41 -13.62 7.97 7.53
N LEU A 42 -12.71 7.51 6.70
CA LEU A 42 -12.14 6.17 6.81
C LEU A 42 -10.69 6.30 6.35
N PRO A 43 -9.73 5.93 7.22
CA PRO A 43 -9.86 5.39 8.57
C PRO A 43 -10.38 6.39 9.60
N LYS A 44 -10.87 5.86 10.71
CA LYS A 44 -11.42 6.69 11.79
C LYS A 44 -10.31 7.59 12.36
N PRO A 45 -10.55 8.90 12.42
CA PRO A 45 -9.55 9.81 12.94
C PRO A 45 -9.53 9.81 14.47
N VAL A 46 -8.45 10.32 15.04
CA VAL A 46 -8.31 10.35 16.49
C VAL A 46 -9.46 11.12 17.14
N SER A 47 -9.81 12.26 16.56
CA SER A 47 -10.97 13.00 17.07
C SER A 47 -11.72 13.70 15.95
N TYR A 48 -13.04 13.76 16.12
CA TYR A 48 -13.91 14.35 15.13
C TYR A 48 -15.15 14.87 15.84
N THR A 49 -15.32 16.19 15.85
CA THR A 49 -16.52 16.80 16.39
C THR A 49 -17.17 17.68 15.32
N VAL A 50 -18.49 17.79 15.39
CA VAL A 50 -19.26 18.61 14.45
C VAL A 50 -20.03 19.66 15.25
N GLY A 51 -20.07 20.88 14.73
CA GLY A 51 -20.82 21.96 15.34
C GLY A 51 -21.80 22.58 14.35
N SER A 52 -22.47 23.65 14.78
CA SER A 52 -23.46 24.31 13.93
C SER A 52 -22.82 25.05 12.76
N GLY A 53 -23.54 25.11 11.66
CA GLY A 53 -23.11 25.84 10.47
C GLY A 53 -22.41 24.96 9.46
N GLN A 54 -22.09 25.55 8.31
CA GLN A 54 -21.46 24.83 7.22
C GLN A 54 -20.66 25.74 6.31
N PHE A 55 -19.63 25.16 5.72
CA PHE A 55 -18.83 25.81 4.69
C PHE A 55 -19.41 25.37 3.35
N VAL A 56 -19.46 26.29 2.40
CA VAL A 56 -19.91 25.94 1.05
C VAL A 56 -18.76 26.17 0.07
N LEU A 57 -18.39 25.12 -0.66
CA LEU A 57 -17.39 25.21 -1.72
C LEU A 57 -18.06 25.69 -2.99
N THR A 58 -17.68 26.87 -3.46
CA THR A 58 -18.28 27.47 -4.65
C THR A 58 -17.26 27.62 -5.77
N LYS A 59 -17.74 27.98 -6.95
CA LYS A 59 -16.89 28.13 -8.13
C LYS A 59 -15.78 29.15 -7.95
N ASN A 60 -15.94 30.04 -6.97
CA ASN A 60 -14.96 31.12 -6.75
C ASN A 60 -13.89 30.77 -5.72
N ALA A 61 -13.94 29.57 -5.18
CA ALA A 61 -12.99 29.15 -4.15
C ALA A 61 -11.57 29.03 -4.70
N SER A 62 -10.60 29.41 -3.88
CA SER A 62 -9.18 29.13 -4.15
C SER A 62 -8.62 28.34 -2.98
N ILE A 63 -7.50 27.65 -3.25
CA ILE A 63 -6.73 26.98 -2.21
C ILE A 63 -5.52 27.87 -1.93
N PHE A 64 -5.39 28.29 -0.68
CA PHE A 64 -4.24 29.10 -0.24
C PHE A 64 -3.26 28.17 0.46
N VAL A 65 -1.98 28.35 0.18
CA VAL A 65 -0.95 27.54 0.86
C VAL A 65 0.13 28.42 1.51
N ALA A 66 0.60 27.99 2.67
CA ALA A 66 1.65 28.73 3.39
C ALA A 66 2.48 27.80 4.24
N GLY A 67 3.78 27.75 3.97
CA GLY A 67 4.69 26.96 4.79
C GLY A 67 5.63 27.83 5.60
N ASN A 68 6.57 27.21 6.30
CA ASN A 68 7.47 27.95 7.18
C ASN A 68 8.61 28.64 6.46
N ASN A 69 8.80 28.29 5.20
CA ASN A 69 9.79 28.92 4.33
C ASN A 69 9.37 28.70 2.89
N VAL A 70 10.06 29.36 1.96
CA VAL A 70 9.62 29.34 0.57
C VAL A 70 9.63 27.92 -0.04
N GLY A 71 10.63 27.11 0.33
CA GLY A 71 10.72 25.75 -0.18
C GLY A 71 9.53 24.93 0.26
N GLU A 72 9.15 25.08 1.52
CA GLU A 72 8.01 24.34 2.05
C GLU A 72 6.71 24.81 1.41
N THR A 73 6.56 26.11 1.25
CA THR A 73 5.40 26.66 0.55
C THR A 73 5.28 26.09 -0.86
N ASP A 74 6.41 25.98 -1.56
CA ASP A 74 6.41 25.39 -2.91
C ASP A 74 5.91 23.95 -2.89
N GLU A 75 6.33 23.19 -1.90
CA GLU A 75 5.87 21.81 -1.76
C GLU A 75 4.35 21.76 -1.49
N LEU A 76 3.90 22.59 -0.56
CA LEU A 76 2.47 22.70 -0.28
C LEU A 76 1.67 23.11 -1.52
N PHE A 77 2.26 23.97 -2.35
CA PHE A 77 1.62 24.41 -3.58
C PHE A 77 1.31 23.21 -4.49
N ASN A 78 2.27 22.31 -4.65
CA ASN A 78 2.01 21.07 -5.39
C ASN A 78 0.89 20.23 -4.80
N ILE A 79 0.89 20.06 -3.48
CA ILE A 79 -0.17 19.33 -2.80
C ILE A 79 -1.50 20.02 -3.06
N GLY A 80 -1.52 21.35 -2.98
CA GLY A 80 -2.71 22.11 -3.26
C GLY A 80 -3.24 21.89 -4.67
N GLN A 81 -2.34 21.81 -5.65
CA GLN A 81 -2.77 21.60 -7.04
C GLN A 81 -3.36 20.20 -7.23
N ALA A 82 -2.80 19.23 -6.50
CA ALA A 82 -3.32 17.86 -6.51
C ALA A 82 -4.75 17.84 -5.97
N LEU A 83 -4.98 18.56 -4.89
CA LEU A 83 -6.32 18.67 -4.30
C LEU A 83 -7.28 19.39 -5.26
N ALA A 84 -6.82 20.49 -5.84
CA ALA A 84 -7.63 21.26 -6.82
C ALA A 84 -8.08 20.38 -7.99
N LYS A 85 -7.15 19.59 -8.52
CA LYS A 85 -7.44 18.64 -9.60
C LYS A 85 -8.62 17.74 -9.24
N LYS A 86 -8.55 17.12 -8.07
CA LYS A 86 -9.62 16.21 -7.60
C LYS A 86 -10.94 16.94 -7.43
N LEU A 87 -10.90 18.12 -6.80
CA LEU A 87 -12.11 18.90 -6.57
C LEU A 87 -12.74 19.35 -7.88
N ASN A 88 -11.90 19.76 -8.83
CA ASN A 88 -12.38 20.28 -10.11
C ASN A 88 -13.08 19.22 -10.94
N ALA A 89 -12.64 17.96 -10.82
CA ALA A 89 -13.17 16.89 -11.68
C ALA A 89 -14.65 16.63 -11.42
N SER A 90 -15.06 16.75 -10.16
CA SER A 90 -16.44 16.45 -9.77
C SER A 90 -17.30 17.71 -9.69
N THR A 91 -16.71 18.83 -9.30
CA THR A 91 -17.49 20.06 -9.19
C THR A 91 -17.67 20.73 -10.55
N GLY A 92 -16.72 20.49 -11.46
CA GLY A 92 -16.67 21.22 -12.73
C GLY A 92 -16.08 22.62 -12.58
N TYR A 93 -15.57 22.94 -11.38
CA TYR A 93 -14.94 24.23 -11.14
C TYR A 93 -13.51 24.26 -11.68
N THR A 94 -12.87 25.43 -11.60
CA THR A 94 -11.45 25.56 -11.91
C THR A 94 -10.73 26.22 -10.74
N ILE A 95 -10.90 25.63 -9.57
CA ILE A 95 -10.20 26.06 -8.37
C ILE A 95 -8.70 26.08 -8.66
N SER A 96 -8.07 27.19 -8.30
CA SER A 96 -6.62 27.30 -8.44
C SER A 96 -5.98 27.59 -7.09
N VAL A 97 -4.65 27.56 -7.08
CA VAL A 97 -3.87 27.60 -5.85
C VAL A 97 -3.06 28.90 -5.79
N VAL A 98 -2.96 29.45 -4.58
CA VAL A 98 -2.31 30.74 -4.34
C VAL A 98 -1.32 30.58 -3.19
N LYS A 99 -0.10 31.06 -3.38
CA LYS A 99 0.86 31.12 -2.29
C LYS A 99 0.61 32.38 -1.45
N SER A 100 -0.12 32.22 -0.37
CA SER A 100 -0.47 33.33 0.52
C SER A 100 -0.97 32.80 1.84
N ASN A 101 -0.67 33.51 2.92
CA ASN A 101 -1.21 33.18 4.24
C ASN A 101 -2.39 34.07 4.62
N GLN A 102 -3.01 34.69 3.61
CA GLN A 102 -4.17 35.55 3.83
C GLN A 102 -5.39 35.04 3.06
N PRO A 103 -5.86 33.82 3.41
CA PRO A 103 -7.03 33.29 2.73
C PRO A 103 -8.26 34.16 2.95
N THR A 104 -9.10 34.10 1.94
CA THR A 104 -10.25 34.94 1.75
C THR A 104 -11.47 34.07 2.13
N ALA A 105 -12.61 34.67 2.45
CA ALA A 105 -13.82 33.87 2.75
C ALA A 105 -14.13 32.91 1.60
N GLY A 106 -14.42 31.66 1.95
CA GLY A 106 -14.73 30.63 0.95
C GLY A 106 -13.53 29.80 0.53
N SER A 107 -12.37 30.09 1.13
CA SER A 107 -11.12 29.45 0.75
C SER A 107 -10.89 28.15 1.54
N ILE A 108 -10.08 27.28 0.94
CA ILE A 108 -9.40 26.21 1.65
C ILE A 108 -7.97 26.68 1.90
N TYR A 109 -7.49 26.51 3.13
CA TYR A 109 -6.17 26.99 3.52
C TYR A 109 -5.36 25.82 4.04
N LEU A 110 -4.21 25.58 3.42
CA LEU A 110 -3.31 24.50 3.81
C LEU A 110 -2.04 25.09 4.36
N THR A 111 -1.70 24.75 5.59
CA THR A 111 -0.52 25.36 6.21
C THR A 111 0.22 24.42 7.15
N THR A 112 1.53 24.66 7.26
CA THR A 112 2.39 23.93 8.19
C THR A 112 2.90 24.87 9.30
N VAL A 113 2.39 26.10 9.30
CA VAL A 113 2.85 27.09 10.28
C VAL A 113 2.14 26.86 11.60
N GLY A 114 2.91 26.43 12.60
CA GLY A 114 2.37 26.19 13.94
C GLY A 114 1.76 24.82 14.14
N GLY A 115 2.10 23.87 13.27
CA GLY A 115 1.66 22.48 13.46
C GLY A 115 1.87 21.95 14.87
N ASN A 116 0.96 21.09 15.31
CA ASN A 116 1.09 20.44 16.62
C ASN A 116 2.05 19.27 16.52
N ALA A 117 3.26 19.44 17.05
CA ALA A 117 4.34 18.46 16.89
C ALA A 117 4.00 17.07 17.42
N ALA A 118 3.07 17.01 18.37
CA ALA A 118 2.65 15.73 18.95
C ALA A 118 1.93 14.85 17.92
N LEU A 119 1.48 15.45 16.83
CA LEU A 119 0.79 14.70 15.78
C LEU A 119 1.76 14.08 14.75
N GLY A 120 3.05 14.43 14.85
CA GLY A 120 4.09 13.84 13.99
C GLY A 120 4.02 14.19 12.50
N ASN A 121 4.83 13.50 11.71
CA ASN A 121 4.97 13.80 10.29
C ASN A 121 3.68 13.67 9.49
N GLU A 122 2.84 12.71 9.86
CA GLU A 122 1.64 12.41 9.09
C GLU A 122 0.37 12.99 9.70
N GLY A 123 0.51 13.60 10.89
CA GLY A 123 -0.64 14.12 11.62
C GLY A 123 -1.10 15.49 11.16
N TYR A 124 -2.31 15.85 11.55
CA TYR A 124 -2.87 17.14 11.11
C TYR A 124 -4.07 17.52 11.98
N ASP A 125 -4.35 18.82 12.01
CA ASP A 125 -5.63 19.36 12.47
C ASP A 125 -6.39 19.85 11.25
N LEU A 126 -7.70 19.63 11.25
CA LEU A 126 -8.52 20.07 10.14
C LEU A 126 -9.79 20.68 10.71
N ILE A 127 -9.87 22.00 10.60
CA ILE A 127 -10.97 22.74 11.21
C ILE A 127 -11.71 23.49 10.12
N THR A 128 -13.00 23.19 10.01
CA THR A 128 -13.84 23.81 9.02
C THR A 128 -14.81 24.73 9.71
N THR A 129 -14.77 25.99 9.30
CA THR A 129 -15.69 27.00 9.80
C THR A 129 -16.63 27.38 8.65
N SER A 130 -17.61 28.23 8.93
CA SER A 130 -18.49 28.70 7.87
C SER A 130 -17.75 29.41 6.74
N ASN A 131 -16.71 30.19 7.06
CA ASN A 131 -15.99 30.94 6.04
C ASN A 131 -14.75 30.25 5.45
N GLN A 132 -14.22 29.23 6.13
CA GLN A 132 -12.91 28.74 5.73
C GLN A 132 -12.62 27.30 6.20
N VAL A 133 -11.97 26.54 5.34
CA VAL A 133 -11.41 25.25 5.72
C VAL A 133 -9.93 25.49 6.02
N THR A 134 -9.46 25.07 7.19
CA THR A 134 -8.04 25.22 7.51
C THR A 134 -7.45 23.90 7.94
N LEU A 135 -6.44 23.46 7.19
CA LEU A 135 -5.70 22.24 7.51
C LEU A 135 -4.33 22.69 7.99
N THR A 136 -4.02 22.37 9.25
CA THR A 136 -2.74 22.72 9.88
C THR A 136 -1.96 21.46 10.21
N ALA A 137 -0.78 21.32 9.63
CA ALA A 137 0.03 20.11 9.86
C ALA A 137 1.47 20.49 10.21
N ASN A 138 2.26 19.50 10.62
CA ASN A 138 3.68 19.71 10.86
C ASN A 138 4.53 19.69 9.60
N LYS A 139 4.12 18.85 8.67
CA LYS A 139 4.88 18.63 7.45
C LYS A 139 3.95 18.55 6.26
N PRO A 140 4.47 18.83 5.06
CA PRO A 140 3.68 18.64 3.84
C PRO A 140 2.99 17.26 3.79
N GLU A 141 3.70 16.20 4.18
CA GLU A 141 3.14 14.86 4.21
C GLU A 141 1.80 14.83 4.98
N GLY A 142 1.76 15.51 6.13
CA GLY A 142 0.53 15.56 6.95
C GLY A 142 -0.58 16.33 6.26
N VAL A 143 -0.22 17.35 5.50
CA VAL A 143 -1.22 18.08 4.73
C VAL A 143 -1.83 17.13 3.68
N PHE A 144 -0.99 16.34 3.02
CA PHE A 144 -1.51 15.39 2.05
C PHE A 144 -2.46 14.38 2.71
N ARG A 145 -2.05 13.83 3.86
CA ARG A 145 -2.93 12.86 4.54
C ARG A 145 -4.25 13.51 4.94
N GLY A 146 -4.15 14.73 5.50
CA GLY A 146 -5.35 15.48 5.88
C GLY A 146 -6.28 15.79 4.71
N ASN A 147 -5.71 15.99 3.52
CA ASN A 147 -6.54 16.24 2.34
C ASN A 147 -7.41 15.03 2.00
N GLN A 148 -6.97 13.84 2.42
CA GLN A 148 -7.76 12.64 2.16
C GLN A 148 -9.00 12.63 3.04
N THR A 149 -8.85 13.19 4.25
CA THR A 149 -9.97 13.39 5.14
C THR A 149 -10.89 14.47 4.61
N LEU A 150 -10.30 15.55 4.10
CA LEU A 150 -11.07 16.67 3.57
C LEU A 150 -12.02 16.20 2.47
N LEU A 151 -11.52 15.35 1.58
CA LEU A 151 -12.35 14.79 0.51
C LEU A 151 -13.52 13.99 1.03
N GLN A 152 -13.34 13.39 2.21
CA GLN A 152 -14.38 12.57 2.82
C GLN A 152 -15.39 13.40 3.62
N LEU A 153 -15.06 14.68 3.86
CA LEU A 153 -15.99 15.59 4.56
C LEU A 153 -17.00 16.20 3.61
N LEU A 154 -16.59 16.36 2.35
CA LEU A 154 -17.48 16.83 1.30
C LEU A 154 -18.50 15.75 0.94
N PRO A 155 -19.64 16.12 0.31
CA PRO A 155 -20.70 15.15 0.03
C PRO A 155 -20.25 14.05 -0.92
N ALA A 156 -20.85 12.88 -0.76
CA ALA A 156 -20.75 11.85 -1.75
C ALA A 156 -21.07 12.49 -3.10
N GLY A 157 -20.20 12.23 -4.07
CA GLY A 157 -20.30 12.82 -5.38
C GLY A 157 -19.00 13.55 -5.68
N ILE A 158 -18.37 14.07 -4.64
CA ILE A 158 -17.10 14.76 -4.79
C ILE A 158 -16.01 13.84 -5.36
N GLU A 159 -16.16 12.53 -5.15
CA GLU A 159 -15.13 11.59 -5.60
C GLU A 159 -15.41 11.05 -6.99
N LYS A 160 -16.41 11.61 -7.66
CA LYS A 160 -16.65 11.29 -9.06
C LYS A 160 -15.52 11.83 -9.93
N ASN A 161 -15.27 11.17 -11.07
CA ASN A 161 -14.28 11.62 -12.02
C ASN A 161 -14.88 12.44 -13.16
N THR A 162 -16.19 12.64 -13.09
CA THR A 162 -16.91 13.50 -14.03
C THR A 162 -17.79 14.46 -13.23
N VAL A 163 -18.24 15.53 -13.87
CA VAL A 163 -18.96 16.58 -13.15
C VAL A 163 -20.30 16.10 -12.62
N VAL A 164 -20.56 16.41 -11.35
CA VAL A 164 -21.80 16.05 -10.69
C VAL A 164 -22.64 17.31 -10.51
N SER A 165 -23.89 17.25 -10.97
CA SER A 165 -24.81 18.37 -10.84
C SER A 165 -25.82 18.08 -9.75
N GLY A 166 -26.43 19.13 -9.22
CA GLY A 166 -27.52 18.97 -8.25
C GLY A 166 -27.09 18.63 -6.84
N VAL A 167 -25.80 18.78 -6.55
CA VAL A 167 -25.30 18.55 -5.20
C VAL A 167 -24.64 19.80 -4.68
N GLN A 168 -25.12 20.33 -3.55
CA GLN A 168 -24.47 21.48 -2.95
C GLN A 168 -23.21 20.99 -2.26
N TRP A 169 -22.08 21.65 -2.54
CA TRP A 169 -20.80 21.17 -2.06
C TRP A 169 -20.51 21.75 -0.69
N VAL A 170 -21.09 21.12 0.33
CA VAL A 170 -21.02 21.63 1.70
C VAL A 170 -20.16 20.77 2.61
N ILE A 171 -19.58 21.41 3.63
CA ILE A 171 -18.83 20.73 4.68
C ILE A 171 -19.38 21.23 6.01
N PRO A 172 -19.75 20.31 6.93
CA PRO A 172 -20.28 20.78 8.21
C PRO A 172 -19.17 21.45 9.00
N HIS A 173 -19.51 22.46 9.79
CA HIS A 173 -18.54 22.99 10.76
C HIS A 173 -18.01 21.82 11.57
N SER A 174 -16.68 21.65 11.60
CA SER A 174 -16.13 20.47 12.22
C SER A 174 -14.70 20.65 12.69
N ASN A 175 -14.28 19.80 13.61
CA ASN A 175 -12.95 19.88 14.19
C ASN A 175 -12.38 18.48 14.25
N ILE A 176 -11.29 18.27 13.51
CA ILE A 176 -10.64 16.97 13.46
C ILE A 176 -9.19 17.11 13.87
N SER A 177 -8.71 16.20 14.73
CA SER A 177 -7.27 16.04 14.94
C SER A 177 -6.94 14.59 14.64
N ASP A 178 -5.76 14.34 14.12
CA ASP A 178 -5.47 13.00 13.63
C ASP A 178 -3.98 12.73 13.50
N LYS A 179 -3.63 11.46 13.65
CA LYS A 179 -2.27 10.96 13.47
C LYS A 179 -2.39 9.44 13.38
N PRO A 180 -1.42 8.77 12.73
CA PRO A 180 -1.48 7.31 12.60
C PRO A 180 -0.96 6.57 13.83
N GLU A 181 -1.50 5.37 14.06
CA GLU A 181 -0.99 4.48 15.10
C GLU A 181 0.33 3.82 14.65
N TYR A 182 0.37 3.34 13.42
CA TYR A 182 1.58 2.70 12.86
C TYR A 182 2.20 3.50 11.73
N GLU A 183 3.52 3.47 11.66
CA GLU A 183 4.30 4.21 10.67
C GLU A 183 4.21 3.61 9.27
N TYR A 184 4.12 2.28 9.22
CA TYR A 184 4.11 1.54 7.96
C TYR A 184 2.71 0.99 7.72
N ARG A 185 2.04 1.46 6.67
CA ARG A 185 0.69 1.00 6.36
C ARG A 185 0.65 0.73 4.87
N GLY A 186 0.91 -0.52 4.49
CA GLY A 186 1.24 -0.80 3.10
C GLY A 186 0.32 -1.72 2.32
N LEU A 187 0.49 -1.68 1.01
CA LEU A 187 -0.17 -2.59 0.09
C LEU A 187 0.91 -3.21 -0.80
N MET A 188 0.87 -4.53 -0.95
CA MET A 188 1.73 -5.21 -1.92
C MET A 188 0.89 -5.67 -3.09
N LEU A 189 1.35 -5.39 -4.30
CA LEU A 189 0.75 -5.99 -5.48
C LEU A 189 1.74 -6.94 -6.15
N ASP A 190 1.27 -8.16 -6.37
CA ASP A 190 2.01 -9.18 -7.11
C ASP A 190 1.76 -8.94 -8.60
N VAL A 191 2.79 -8.49 -9.31
CA VAL A 191 2.69 -8.28 -10.76
C VAL A 191 3.43 -9.38 -11.54
N ALA A 192 3.94 -10.37 -10.80
CA ALA A 192 4.63 -11.52 -11.39
C ALA A 192 3.65 -12.59 -11.84
N ARG A 193 2.69 -12.93 -11.00
CA ARG A 193 1.75 -14.01 -11.32
C ARG A 193 0.82 -13.64 -12.47
N HIS A 194 0.27 -12.43 -12.42
CA HIS A 194 -0.36 -11.82 -13.59
C HIS A 194 0.15 -10.39 -13.67
N PHE A 195 0.40 -9.93 -14.89
CA PHE A 195 0.95 -8.61 -15.11
C PHE A 195 -0.16 -7.56 -15.09
N PHE A 196 0.16 -6.40 -14.54
CA PHE A 196 -0.73 -5.24 -14.58
C PHE A 196 0.01 -4.03 -15.11
N THR A 197 -0.69 -3.25 -15.93
CA THR A 197 -0.06 -2.15 -16.67
C THR A 197 0.31 -1.01 -15.74
N VAL A 198 1.17 -0.12 -16.22
CA VAL A 198 1.50 1.08 -15.47
C VAL A 198 0.23 1.84 -15.05
N ASP A 199 -0.72 1.99 -15.97
CA ASP A 199 -1.99 2.66 -15.68
C ASP A 199 -2.75 1.98 -14.56
N GLU A 200 -2.79 0.64 -14.61
CA GLU A 200 -3.49 -0.14 -13.59
C GLU A 200 -2.83 -0.01 -12.21
N VAL A 201 -1.50 -0.04 -12.20
CA VAL A 201 -0.72 0.11 -10.98
C VAL A 201 -0.90 1.51 -10.39
N LYS A 202 -0.78 2.55 -11.22
CA LYS A 202 -1.02 3.90 -10.77
C LYS A 202 -2.41 4.04 -10.15
N ARG A 203 -3.42 3.45 -10.80
CA ARG A 203 -4.77 3.54 -10.27
C ARG A 203 -4.86 2.91 -8.89
N GLN A 204 -4.25 1.74 -8.69
CA GLN A 204 -4.34 1.11 -7.38
C GLN A 204 -3.61 1.94 -6.31
N ILE A 205 -2.48 2.53 -6.70
CA ILE A 205 -1.74 3.42 -5.80
C ILE A 205 -2.63 4.62 -5.43
N ASP A 206 -3.25 5.22 -6.44
CA ASP A 206 -4.12 6.37 -6.21
C ASP A 206 -5.29 6.05 -5.27
N LEU A 207 -5.99 4.96 -5.56
CA LEU A 207 -7.13 4.57 -4.72
C LEU A 207 -6.67 4.33 -3.29
N ALA A 208 -5.59 3.57 -3.13
CA ALA A 208 -5.07 3.26 -1.80
C ALA A 208 -4.69 4.51 -1.03
N SER A 209 -4.13 5.49 -1.74
CA SER A 209 -3.66 6.72 -1.09
C SER A 209 -4.81 7.47 -0.39
N GLN A 210 -6.02 7.31 -0.92
CA GLN A 210 -7.20 8.00 -0.38
C GLN A 210 -7.61 7.46 1.00
N TYR A 211 -7.07 6.29 1.34
CA TYR A 211 -7.33 5.65 2.63
C TYR A 211 -6.10 5.66 3.53
N LYS A 212 -5.17 6.56 3.22
CA LYS A 212 -3.97 6.82 4.04
C LYS A 212 -2.95 5.66 4.03
N ILE A 213 -3.09 4.75 3.07
CA ILE A 213 -2.02 3.80 2.79
C ILE A 213 -0.81 4.64 2.35
N ASN A 214 0.36 4.33 2.91
CA ASN A 214 1.55 5.16 2.66
C ASN A 214 2.77 4.40 2.13
N LYS A 215 2.60 3.11 1.85
CA LYS A 215 3.67 2.26 1.33
C LYS A 215 3.12 1.35 0.25
N PHE A 216 3.90 1.15 -0.80
CA PHE A 216 3.50 0.26 -1.89
C PHE A 216 4.68 -0.66 -2.21
N HIS A 217 4.49 -1.95 -1.96
CA HIS A 217 5.48 -3.00 -2.16
C HIS A 217 5.15 -3.69 -3.48
N MET A 218 6.09 -3.66 -4.43
CA MET A 218 5.90 -4.31 -5.73
C MET A 218 6.64 -5.64 -5.76
N HIS A 219 5.89 -6.72 -5.90
CA HIS A 219 6.47 -8.04 -6.03
C HIS A 219 6.76 -8.23 -7.52
N LEU A 220 7.98 -7.89 -7.92
CA LEU A 220 8.35 -7.71 -9.33
C LEU A 220 8.84 -8.97 -10.03
N SER A 221 9.05 -10.04 -9.27
CA SER A 221 9.62 -11.25 -9.85
C SER A 221 9.16 -12.46 -9.06
N ASP A 222 8.92 -13.54 -9.78
CA ASP A 222 8.58 -14.80 -9.15
C ASP A 222 8.83 -15.92 -10.14
N ASP A 223 8.20 -17.06 -9.93
CA ASP A 223 8.46 -18.21 -10.79
C ASP A 223 7.92 -18.00 -12.20
N GLN A 224 6.77 -17.33 -12.31
CA GLN A 224 6.05 -17.26 -13.58
C GLN A 224 6.37 -16.01 -14.42
N GLY A 225 7.14 -15.10 -13.85
CA GLY A 225 7.51 -13.90 -14.59
C GLY A 225 8.49 -13.00 -13.88
N TRP A 226 9.26 -12.27 -14.69
CA TRP A 226 10.21 -11.25 -14.25
C TRP A 226 9.76 -9.94 -14.89
N ARG A 227 9.54 -8.90 -14.07
CA ARG A 227 8.83 -7.70 -14.55
C ARG A 227 9.63 -6.39 -14.57
N ILE A 228 10.93 -6.44 -14.30
CA ILE A 228 11.70 -5.20 -14.31
C ILE A 228 12.92 -5.31 -15.25
N GLU A 229 13.02 -4.36 -16.18
CA GLU A 229 14.17 -4.28 -17.09
C GLU A 229 15.49 -4.21 -16.31
N ILE A 230 16.38 -5.16 -16.58
CA ILE A 230 17.76 -5.12 -16.06
C ILE A 230 18.68 -5.14 -17.28
N LYS A 231 19.29 -3.99 -17.57
CA LYS A 231 20.03 -3.80 -18.82
C LYS A 231 21.21 -4.75 -18.99
N SER A 232 21.86 -5.10 -17.88
CA SER A 232 23.01 -6.00 -17.91
C SER A 232 22.65 -7.48 -18.14
N TRP A 233 21.37 -7.83 -17.94
CA TRP A 233 20.88 -9.19 -18.13
C TRP A 233 19.57 -9.11 -18.91
N PRO A 234 19.65 -8.73 -20.20
CA PRO A 234 18.45 -8.38 -20.97
C PRO A 234 17.47 -9.54 -21.18
N ASP A 235 17.93 -10.78 -21.08
CA ASP A 235 17.01 -11.91 -21.28
C ASP A 235 16.03 -12.12 -20.12
N LEU A 236 16.24 -11.42 -19.01
CA LEU A 236 15.23 -11.44 -17.94
C LEU A 236 13.90 -10.92 -18.49
N ILE A 237 13.98 -9.95 -19.40
CA ILE A 237 12.79 -9.45 -20.09
C ILE A 237 12.52 -10.22 -21.38
N GLU A 238 13.53 -10.40 -22.21
CA GLU A 238 13.32 -11.00 -23.52
C GLU A 238 12.76 -12.41 -23.43
N ILE A 239 13.14 -13.12 -22.37
CA ILE A 239 12.62 -14.47 -22.09
C ILE A 239 11.73 -14.47 -20.84
N GLY A 240 12.25 -13.93 -19.74
CA GLY A 240 11.59 -14.05 -18.43
C GLY A 240 10.27 -13.33 -18.23
N SER A 241 9.96 -12.35 -19.09
CA SER A 241 8.75 -11.55 -18.93
C SER A 241 7.61 -11.99 -19.83
N LYS A 242 7.86 -12.98 -20.68
CA LYS A 242 6.97 -13.29 -21.80
C LYS A 242 5.78 -14.18 -21.48
N GLY A 243 5.55 -14.45 -20.20
CA GLY A 243 4.42 -15.26 -19.77
C GLY A 243 3.94 -14.82 -18.40
N GLN A 244 3.03 -15.62 -17.85
CA GLN A 244 2.47 -15.40 -16.53
C GLN A 244 1.68 -16.67 -16.16
N VAL A 245 1.05 -16.67 -15.00
CA VAL A 245 0.15 -17.78 -14.64
C VAL A 245 -0.92 -17.91 -15.72
N GLY A 246 -1.12 -19.15 -16.19
CA GLY A 246 -2.20 -19.44 -17.14
C GLY A 246 -1.87 -19.24 -18.60
N GLY A 247 -0.63 -18.86 -18.92
CA GLY A 247 -0.22 -18.75 -20.33
C GLY A 247 -0.53 -17.46 -21.11
N GLY A 248 -1.05 -16.44 -20.43
CA GLY A 248 -1.16 -15.08 -21.02
C GLY A 248 0.20 -14.53 -21.45
N PRO A 249 0.22 -13.35 -22.10
CA PRO A 249 1.48 -12.86 -22.68
C PRO A 249 2.47 -12.24 -21.69
N GLY A 250 2.02 -11.91 -20.49
CA GLY A 250 2.89 -11.28 -19.50
C GLY A 250 3.10 -9.80 -19.74
N GLY A 251 4.35 -9.35 -19.66
CA GLY A 251 4.67 -7.94 -19.76
C GLY A 251 5.77 -7.57 -18.79
N TYR A 252 6.18 -6.31 -18.82
CA TYR A 252 7.21 -5.81 -17.91
C TYR A 252 7.20 -4.29 -17.86
N TYR A 253 7.93 -3.76 -16.88
CA TYR A 253 8.21 -2.33 -16.81
C TYR A 253 9.64 -2.06 -17.25
N THR A 254 9.80 -1.13 -18.18
CA THR A 254 11.13 -0.56 -18.44
C THR A 254 11.57 0.20 -17.19
N GLN A 255 12.85 0.48 -17.09
CA GLN A 255 13.33 1.29 -15.96
C GLN A 255 12.64 2.66 -15.95
N GLU A 256 12.38 3.22 -17.13
CA GLU A 256 11.65 4.49 -17.20
C GLU A 256 10.24 4.37 -16.64
N GLN A 257 9.55 3.28 -16.98
CA GLN A 257 8.20 3.05 -16.43
C GLN A 257 8.23 2.88 -14.92
N PHE A 258 9.22 2.15 -14.41
CA PHE A 258 9.35 2.00 -12.96
C PHE A 258 9.58 3.36 -12.29
N LYS A 259 10.48 4.18 -12.84
CA LYS A 259 10.69 5.53 -12.30
C LYS A 259 9.41 6.35 -12.30
N ASP A 260 8.58 6.15 -13.32
CA ASP A 260 7.34 6.89 -13.43
C ASP A 260 6.38 6.48 -12.31
N ILE A 261 6.31 5.18 -12.04
CA ILE A 261 5.49 4.67 -10.94
C ILE A 261 5.98 5.27 -9.61
N VAL A 262 7.29 5.25 -9.40
CA VAL A 262 7.88 5.81 -8.19
C VAL A 262 7.50 7.29 -8.04
N SER A 263 7.59 8.04 -9.13
CA SER A 263 7.28 9.47 -9.14
C SER A 263 5.82 9.70 -8.79
N TYR A 264 4.93 8.92 -9.39
CA TYR A 264 3.50 9.02 -9.15
C TYR A 264 3.19 8.73 -7.68
N ALA A 265 3.83 7.69 -7.13
CA ALA A 265 3.66 7.36 -5.72
C ALA A 265 4.20 8.47 -4.80
N ALA A 266 5.34 9.06 -5.16
CA ALA A 266 5.97 10.10 -4.34
C ALA A 266 5.06 11.32 -4.21
N GLU A 267 4.28 11.60 -5.26
CA GLU A 267 3.34 12.72 -5.24
C GLU A 267 2.20 12.50 -4.24
N ARG A 268 2.04 11.24 -3.82
CA ARG A 268 1.07 10.83 -2.80
C ARG A 268 1.75 10.45 -1.49
N TYR A 269 3.03 10.81 -1.37
CA TYR A 269 3.82 10.50 -0.16
C TYR A 269 3.80 9.00 0.12
N ILE A 270 3.86 8.22 -0.95
CA ILE A 270 3.93 6.76 -0.87
C ILE A 270 5.31 6.27 -1.28
N GLU A 271 5.96 5.57 -0.35
CA GLU A 271 7.25 4.94 -0.58
C GLU A 271 7.02 3.65 -1.36
N VAL A 272 7.78 3.47 -2.43
CA VAL A 272 7.73 2.24 -3.23
C VAL A 272 8.90 1.35 -2.84
N ILE A 273 8.58 0.14 -2.39
CA ILE A 273 9.60 -0.83 -2.04
C ILE A 273 9.54 -1.96 -3.06
N PRO A 274 10.58 -2.07 -3.91
CA PRO A 274 10.61 -3.11 -4.93
C PRO A 274 11.11 -4.42 -4.33
N GLU A 275 10.54 -5.53 -4.77
CA GLU A 275 10.99 -6.84 -4.32
C GLU A 275 11.51 -7.67 -5.48
N ILE A 276 12.75 -8.17 -5.32
CA ILE A 276 13.26 -9.25 -6.17
C ILE A 276 13.42 -10.46 -5.26
N ASP A 277 12.52 -11.43 -5.39
CA ASP A 277 12.46 -12.55 -4.45
C ASP A 277 13.64 -13.50 -4.70
N MET A 278 14.34 -13.86 -3.64
CA MET A 278 15.50 -14.76 -3.71
C MET A 278 15.75 -15.41 -2.35
N PRO A 279 16.37 -16.61 -2.31
CA PRO A 279 16.84 -17.42 -3.45
C PRO A 279 15.74 -18.27 -4.08
N GLY A 280 14.59 -18.34 -3.42
CA GLY A 280 13.43 -19.06 -3.96
C GLY A 280 12.57 -18.16 -4.83
N HIS A 281 11.51 -18.74 -5.40
CA HIS A 281 10.61 -17.99 -6.28
C HIS A 281 11.35 -17.34 -7.44
N THR A 282 12.31 -18.07 -7.98
CA THR A 282 13.23 -17.52 -8.97
C THR A 282 13.16 -18.22 -10.33
N ASN A 283 12.12 -19.01 -10.59
CA ASN A 283 12.10 -19.73 -11.87
C ASN A 283 12.22 -18.84 -13.12
N ALA A 284 11.62 -17.66 -13.11
CA ALA A 284 11.70 -16.78 -14.30
C ALA A 284 13.16 -16.42 -14.63
N ALA A 285 13.96 -16.15 -13.61
CA ALA A 285 15.39 -15.87 -13.83
C ALA A 285 16.07 -17.11 -14.37
N LEU A 286 15.75 -18.25 -13.77
CA LEU A 286 16.37 -19.54 -14.12
C LEU A 286 15.99 -19.99 -15.54
N ALA A 287 14.83 -19.51 -15.99
CA ALA A 287 14.34 -19.79 -17.35
C ALA A 287 14.95 -18.84 -18.36
N SER A 288 15.55 -17.75 -17.87
CA SER A 288 16.14 -16.74 -18.76
C SER A 288 17.61 -17.00 -19.03
N TYR A 289 18.33 -17.48 -18.02
CA TYR A 289 19.78 -17.68 -18.10
C TYR A 289 20.17 -19.06 -17.63
N GLY A 290 20.61 -19.90 -18.57
CA GLY A 290 21.02 -21.25 -18.25
C GLY A 290 22.14 -21.30 -17.24
N GLU A 291 23.03 -20.29 -17.28
CA GLU A 291 24.19 -20.25 -16.37
C GLU A 291 23.82 -20.11 -14.88
N LEU A 292 22.55 -19.80 -14.60
CA LEU A 292 22.09 -19.71 -13.22
C LEU A 292 21.67 -21.07 -12.67
N ASN A 293 21.73 -22.10 -13.52
CA ASN A 293 21.35 -23.47 -13.16
C ASN A 293 22.56 -24.38 -13.11
N PRO A 294 22.58 -25.38 -12.21
CA PRO A 294 23.71 -26.32 -12.14
C PRO A 294 24.07 -27.01 -13.45
N ASP A 295 23.06 -27.35 -14.26
CA ASP A 295 23.32 -28.04 -15.54
C ASP A 295 23.54 -27.08 -16.72
N GLY A 296 23.54 -25.78 -16.45
CA GLY A 296 23.78 -24.78 -17.48
C GLY A 296 22.65 -24.55 -18.48
N LYS A 297 21.53 -25.23 -18.28
CA LYS A 297 20.40 -25.14 -19.21
C LYS A 297 19.28 -24.26 -18.66
N ARG A 298 18.61 -23.52 -19.54
CA ARG A 298 17.45 -22.72 -19.12
C ARG A 298 16.33 -23.64 -18.64
N LYS A 299 15.72 -23.29 -17.51
CA LYS A 299 14.50 -23.98 -17.08
C LYS A 299 13.38 -23.65 -18.08
N ALA A 300 12.43 -24.57 -18.25
CA ALA A 300 11.19 -24.25 -18.94
C ALA A 300 10.45 -23.20 -18.11
N MET A 301 9.78 -22.29 -18.79
CA MET A 301 8.93 -21.31 -18.10
C MET A 301 7.78 -22.05 -17.42
N ARG A 302 7.35 -21.53 -16.28
CA ARG A 302 6.27 -22.13 -15.50
C ARG A 302 5.03 -21.24 -15.55
N THR A 303 3.87 -21.85 -15.81
CA THR A 303 2.61 -21.10 -15.88
C THR A 303 1.56 -21.64 -14.90
N ASP A 304 2.00 -22.57 -14.06
CA ASP A 304 1.17 -23.14 -12.99
C ASP A 304 1.25 -22.25 -11.75
N THR A 305 0.69 -22.73 -10.63
CA THR A 305 0.69 -21.95 -9.39
C THR A 305 1.44 -22.60 -8.22
N ALA A 306 2.20 -23.67 -8.50
CA ALA A 306 3.02 -24.29 -7.45
C ALA A 306 4.02 -23.29 -6.90
N VAL A 307 4.38 -23.46 -5.63
CA VAL A 307 5.44 -22.66 -5.00
C VAL A 307 6.49 -23.56 -4.34
N GLY A 308 7.68 -23.01 -4.10
CA GLY A 308 8.67 -23.63 -3.22
C GLY A 308 9.80 -24.42 -3.86
N TYR A 309 9.69 -24.66 -5.16
CA TYR A 309 10.55 -25.63 -5.85
C TYR A 309 11.82 -25.04 -6.44
N SER A 310 11.87 -23.72 -6.59
CA SER A 310 12.96 -23.10 -7.34
C SER A 310 14.05 -22.57 -6.42
N THR A 311 15.29 -22.57 -6.91
CA THR A 311 16.38 -21.99 -6.15
C THR A 311 17.51 -21.48 -7.03
N LEU A 312 18.10 -20.36 -6.62
CA LEU A 312 19.39 -19.94 -7.18
C LEU A 312 20.45 -20.88 -6.60
N MET A 313 21.63 -20.91 -7.24
CA MET A 313 22.74 -21.74 -6.76
C MET A 313 23.45 -21.01 -5.63
N PRO A 314 23.31 -21.49 -4.39
CA PRO A 314 23.83 -20.69 -3.26
C PRO A 314 25.35 -20.64 -3.12
N ARG A 315 26.07 -21.56 -3.76
CA ARG A 315 27.53 -21.65 -3.62
C ARG A 315 28.27 -21.40 -4.93
N ALA A 316 27.60 -20.73 -5.87
CA ALA A 316 28.24 -20.35 -7.13
C ALA A 316 28.38 -18.84 -7.21
N GLU A 317 29.58 -18.37 -7.51
CA GLU A 317 29.79 -16.92 -7.58
C GLU A 317 28.94 -16.23 -8.65
N ILE A 318 28.59 -16.93 -9.72
CA ILE A 318 27.77 -16.31 -10.76
C ILE A 318 26.43 -15.84 -10.17
N THR A 319 25.94 -16.56 -9.17
CA THR A 319 24.70 -16.18 -8.49
C THR A 319 24.83 -14.79 -7.88
N TYR A 320 25.96 -14.56 -7.20
CA TYR A 320 26.16 -13.29 -6.51
C TYR A 320 26.50 -12.15 -7.47
N GLN A 321 27.11 -12.48 -8.61
CA GLN A 321 27.31 -11.48 -9.67
C GLN A 321 25.96 -11.05 -10.24
N PHE A 322 25.11 -12.04 -10.52
CA PHE A 322 23.75 -11.79 -10.98
C PHE A 322 23.01 -10.88 -9.99
N VAL A 323 22.98 -11.28 -8.73
CA VAL A 323 22.26 -10.50 -7.72
C VAL A 323 22.82 -9.07 -7.61
N GLU A 324 24.16 -8.94 -7.64
CA GLU A 324 24.75 -7.61 -7.57
C GLU A 324 24.36 -6.72 -8.76
N ASP A 325 24.32 -7.31 -9.95
CA ASP A 325 23.92 -6.54 -11.14
C ASP A 325 22.47 -6.06 -11.01
N VAL A 326 21.59 -6.95 -10.58
CA VAL A 326 20.18 -6.61 -10.38
C VAL A 326 20.04 -5.53 -9.32
N ILE A 327 20.68 -5.72 -8.16
CA ILE A 327 20.59 -4.74 -7.09
C ILE A 327 21.19 -3.38 -7.50
N SER A 328 22.33 -3.40 -8.20
CA SER A 328 22.94 -2.16 -8.69
C SER A 328 21.96 -1.34 -9.53
N GLU A 329 21.31 -2.00 -10.49
CA GLU A 329 20.41 -1.29 -11.40
C GLU A 329 19.14 -0.84 -10.71
N LEU A 330 18.59 -1.70 -9.85
CA LEU A 330 17.36 -1.36 -9.15
C LEU A 330 17.61 -0.23 -8.14
N ALA A 331 18.71 -0.30 -7.39
CA ALA A 331 19.04 0.76 -6.44
C ALA A 331 19.14 2.10 -7.14
N ALA A 332 19.73 2.13 -8.33
CA ALA A 332 19.90 3.38 -9.09
C ALA A 332 18.59 4.06 -9.43
N ILE A 333 17.50 3.29 -9.52
CA ILE A 333 16.20 3.83 -9.96
C ILE A 333 15.12 3.80 -8.86
N SER A 334 15.52 3.35 -7.67
CA SER A 334 14.56 3.19 -6.56
C SER A 334 15.03 3.99 -5.33
N PRO A 335 14.44 5.18 -5.11
CA PRO A 335 14.92 6.04 -4.01
C PRO A 335 14.64 5.56 -2.59
N SER A 336 13.69 4.64 -2.41
CA SER A 336 13.43 4.11 -1.07
C SER A 336 14.74 3.60 -0.46
N PRO A 337 14.95 3.84 0.84
CA PRO A 337 16.13 3.25 1.50
C PRO A 337 16.06 1.72 1.63
N TYR A 338 14.94 1.13 1.24
CA TYR A 338 14.73 -0.32 1.38
C TYR A 338 14.64 -1.03 0.05
N ILE A 339 15.22 -2.22 -0.01
CA ILE A 339 14.93 -3.17 -1.08
C ILE A 339 14.44 -4.47 -0.41
N HIS A 340 13.39 -5.06 -0.97
CA HIS A 340 12.86 -6.30 -0.43
C HIS A 340 13.50 -7.44 -1.23
N LEU A 341 14.19 -8.35 -0.54
CA LEU A 341 14.84 -9.47 -1.22
C LEU A 341 14.09 -10.79 -1.03
N GLY A 342 12.85 -10.69 -0.56
CA GLY A 342 12.01 -11.88 -0.48
C GLY A 342 12.49 -12.83 0.59
N GLY A 343 12.81 -14.07 0.22
CA GLY A 343 13.32 -15.05 1.17
C GLY A 343 12.30 -16.07 1.63
N ASP A 344 11.10 -16.04 1.04
CA ASP A 344 10.06 -17.01 1.40
C ASP A 344 10.20 -18.32 0.65
N GLU A 345 9.81 -19.42 1.30
CA GLU A 345 9.59 -20.68 0.59
C GLU A 345 10.77 -21.14 -0.27
N SER A 346 11.96 -21.04 0.30
CA SER A 346 13.15 -21.54 -0.37
C SER A 346 13.31 -23.03 -0.05
N ASN A 347 12.31 -23.83 -0.45
CA ASN A 347 12.25 -25.24 -0.04
C ASN A 347 13.23 -26.14 -0.79
N ALA A 348 13.83 -25.62 -1.85
CA ALA A 348 14.90 -26.32 -2.57
C ALA A 348 16.28 -25.79 -2.16
N THR A 349 16.32 -25.06 -1.04
CA THR A 349 17.57 -24.51 -0.50
C THR A 349 17.74 -25.03 0.93
N SER A 350 18.90 -25.60 1.23
CA SER A 350 19.11 -26.10 2.59
C SER A 350 19.15 -24.95 3.59
N ALA A 351 18.90 -25.25 4.87
CA ALA A 351 18.95 -24.22 5.91
C ALA A 351 20.31 -23.53 5.94
N ALA A 352 21.37 -24.31 5.83
CA ALA A 352 22.72 -23.77 5.88
C ALA A 352 22.96 -22.84 4.70
N ASP A 353 22.52 -23.25 3.51
CA ASP A 353 22.72 -22.47 2.30
C ASP A 353 21.87 -21.21 2.29
N TYR A 354 20.67 -21.30 2.88
CA TYR A 354 19.79 -20.14 2.98
C TYR A 354 20.40 -19.07 3.91
N ASP A 355 20.89 -19.52 5.05
CA ASP A 355 21.53 -18.62 6.01
C ASP A 355 22.66 -17.86 5.31
N TYR A 356 23.50 -18.61 4.61
CA TYR A 356 24.68 -18.07 3.92
C TYR A 356 24.24 -17.13 2.78
N PHE A 357 23.32 -17.61 1.94
CA PHE A 357 22.85 -16.83 0.80
C PHE A 357 22.26 -15.50 1.24
N PHE A 358 21.35 -15.54 2.21
CA PHE A 358 20.66 -14.32 2.57
C PHE A 358 21.62 -13.31 3.21
N GLY A 359 22.62 -13.81 3.94
CA GLY A 359 23.64 -12.93 4.50
C GLY A 359 24.45 -12.27 3.40
N ARG A 360 24.84 -13.06 2.40
CA ARG A 360 25.60 -12.51 1.28
C ARG A 360 24.86 -11.44 0.50
N VAL A 361 23.58 -11.69 0.21
CA VAL A 361 22.85 -10.70 -0.57
C VAL A 361 22.51 -9.46 0.24
N THR A 362 22.36 -9.62 1.56
CA THR A 362 22.20 -8.46 2.44
C THR A 362 23.44 -7.56 2.38
N ALA A 363 24.62 -8.18 2.41
CA ALA A 363 25.86 -7.41 2.29
C ALA A 363 25.91 -6.63 0.96
N ILE A 364 25.47 -7.29 -0.12
CA ILE A 364 25.44 -6.63 -1.44
C ILE A 364 24.50 -5.42 -1.38
N ALA A 365 23.27 -5.64 -0.92
CA ALA A 365 22.30 -4.56 -0.84
C ALA A 365 22.85 -3.40 -0.01
N ASN A 366 23.42 -3.70 1.14
CA ASN A 366 23.96 -2.66 2.03
C ASN A 366 25.07 -1.87 1.35
N SER A 367 25.87 -2.56 0.53
CA SER A 367 26.98 -1.91 -0.19
C SER A 367 26.48 -0.91 -1.24
N TYR A 368 25.25 -1.11 -1.71
CA TYR A 368 24.58 -0.18 -2.62
C TYR A 368 23.65 0.79 -1.88
N GLY A 369 23.85 0.89 -0.57
CA GLY A 369 23.12 1.88 0.25
C GLY A 369 21.69 1.52 0.59
N LYS A 370 21.31 0.25 0.44
CA LYS A 370 19.95 -0.18 0.74
C LYS A 370 19.87 -1.14 1.92
N LYS A 371 18.87 -0.91 2.77
CA LYS A 371 18.53 -1.83 3.86
C LYS A 371 17.61 -2.90 3.30
N VAL A 372 17.65 -4.09 3.90
CA VAL A 372 16.94 -5.24 3.33
C VAL A 372 15.67 -5.56 4.10
N VAL A 373 14.57 -5.73 3.36
CA VAL A 373 13.34 -6.31 3.92
C VAL A 373 13.28 -7.75 3.39
N GLY A 374 12.79 -8.67 4.21
CA GLY A 374 12.63 -10.06 3.79
C GLY A 374 11.48 -10.74 4.51
N TRP A 375 10.83 -11.69 3.83
CA TRP A 375 9.79 -12.53 4.45
C TRP A 375 10.43 -13.41 5.51
N ASP A 376 9.70 -13.77 6.57
CA ASP A 376 10.23 -14.82 7.44
C ASP A 376 10.50 -16.08 6.59
N PRO A 377 11.54 -16.86 6.91
CA PRO A 377 12.47 -16.79 8.04
C PRO A 377 13.77 -16.00 7.78
N SER A 378 13.73 -15.00 6.91
CA SER A 378 14.97 -14.30 6.52
C SER A 378 15.69 -13.62 7.69
N ASP A 379 14.95 -13.28 8.74
CA ASP A 379 15.53 -12.65 9.93
C ASP A 379 16.54 -13.56 10.64
N THR A 380 16.42 -14.87 10.41
CA THR A 380 17.31 -15.84 11.04
C THR A 380 18.70 -15.89 10.42
N SER A 381 18.88 -15.23 9.28
CA SER A 381 20.20 -15.26 8.64
C SER A 381 21.23 -14.61 9.53
N SER A 382 22.38 -15.27 9.71
CA SER A 382 23.45 -14.70 10.51
C SER A 382 24.00 -13.41 9.93
N GLY A 383 23.69 -13.14 8.67
CA GLY A 383 24.13 -11.92 7.99
C GLY A 383 23.17 -10.75 8.06
N ALA A 384 22.02 -10.94 8.69
CA ALA A 384 21.10 -9.83 8.92
C ALA A 384 21.74 -8.80 9.86
N THR A 385 21.25 -7.56 9.81
CA THR A 385 21.66 -6.52 10.77
C THR A 385 20.40 -5.99 11.44
N SER A 386 20.58 -5.19 12.49
CA SER A 386 19.42 -4.56 13.13
C SER A 386 18.70 -3.56 12.21
N ASP A 387 19.33 -3.19 11.10
CA ASP A 387 18.67 -2.34 10.09
C ASP A 387 17.79 -3.14 9.13
N SER A 388 17.99 -4.45 9.05
CA SER A 388 17.11 -5.26 8.19
C SER A 388 15.70 -5.26 8.79
N VAL A 389 14.71 -5.54 7.95
CA VAL A 389 13.30 -5.55 8.37
C VAL A 389 12.71 -6.92 8.07
N LEU A 390 11.93 -7.45 9.02
CA LEU A 390 11.23 -8.71 8.83
C LEU A 390 9.80 -8.44 8.41
N GLN A 391 9.39 -9.07 7.32
CA GLN A 391 7.98 -9.12 6.98
C GLN A 391 7.47 -10.47 7.46
N ASN A 392 6.70 -10.41 8.54
CA ASN A 392 6.22 -11.57 9.26
C ASN A 392 4.89 -11.94 8.66
N TRP A 393 4.87 -12.97 7.81
CA TRP A 393 3.63 -13.48 7.23
C TRP A 393 3.14 -14.75 7.93
N THR A 394 4.07 -15.52 8.48
CA THR A 394 3.69 -16.77 9.15
C THR A 394 2.90 -16.53 10.45
N CYS A 395 3.36 -15.56 11.23
CA CYS A 395 2.68 -15.15 12.47
C CYS A 395 2.47 -16.32 13.45
N SER A 396 3.52 -17.12 13.63
CA SER A 396 3.53 -18.19 14.64
C SER A 396 4.26 -17.69 15.89
N ALA A 397 4.13 -18.43 16.97
CA ALA A 397 4.78 -18.08 18.24
C ALA A 397 6.30 -17.92 18.10
N SER A 398 6.90 -18.69 17.19
CA SER A 398 8.36 -18.66 17.03
C SER A 398 8.83 -17.68 15.95
N THR A 399 7.93 -17.28 15.06
CA THR A 399 8.31 -16.38 13.98
C THR A 399 8.86 -15.06 14.53
N GLY A 400 9.99 -14.63 13.99
CA GLY A 400 10.56 -13.34 14.38
C GLY A 400 11.27 -13.33 15.72
N THR A 401 11.55 -14.53 16.26
CA THR A 401 12.41 -14.62 17.45
C THR A 401 13.77 -13.97 17.17
N ALA A 402 14.35 -14.27 16.02
CA ALA A 402 15.62 -13.66 15.61
C ALA A 402 15.48 -12.16 15.43
N ALA A 403 14.47 -11.73 14.67
CA ALA A 403 14.23 -10.29 14.50
C ALA A 403 14.18 -9.57 15.84
N LYS A 404 13.41 -10.11 16.78
CA LYS A 404 13.25 -9.46 18.08
C LYS A 404 14.59 -9.34 18.81
N ALA A 405 15.36 -10.45 18.82
CA ALA A 405 16.67 -10.49 19.46
C ALA A 405 17.65 -9.49 18.83
N LYS A 406 17.52 -9.29 17.53
CA LYS A 406 18.43 -8.45 16.76
C LYS A 406 17.99 -6.99 16.70
N GLY A 407 16.80 -6.69 17.21
CA GLY A 407 16.27 -5.33 17.20
C GLY A 407 15.75 -4.89 15.84
N MET A 408 15.37 -5.85 15.00
CA MET A 408 14.82 -5.56 13.67
C MET A 408 13.35 -5.19 13.77
N LYS A 409 12.98 -4.13 13.06
CA LYS A 409 11.57 -3.75 12.85
C LYS A 409 10.82 -4.86 12.16
N VAL A 410 9.53 -4.98 12.48
CA VAL A 410 8.67 -6.04 11.91
C VAL A 410 7.42 -5.45 11.24
N ILE A 411 7.18 -5.88 10.00
CA ILE A 411 5.95 -5.56 9.27
C ILE A 411 5.10 -6.82 9.30
N VAL A 412 3.85 -6.71 9.75
CA VAL A 412 3.01 -7.90 9.87
C VAL A 412 2.07 -8.07 8.71
N SER A 413 1.96 -9.32 8.24
CA SER A 413 1.03 -9.67 7.17
C SER A 413 0.36 -11.00 7.56
N PRO A 414 -0.54 -10.96 8.57
CA PRO A 414 -1.24 -12.18 8.98
C PRO A 414 -2.30 -12.61 7.97
N ALA A 415 -3.00 -13.70 8.29
CA ALA A 415 -4.11 -14.15 7.45
C ALA A 415 -5.07 -12.99 7.16
N ASN A 416 -5.33 -12.16 8.16
CA ASN A 416 -6.28 -11.06 8.05
C ASN A 416 -5.86 -9.97 7.04
N ALA A 417 -4.58 -10.03 6.64
CA ALA A 417 -4.00 -9.10 5.68
C ALA A 417 -3.69 -9.75 4.32
N TYR A 418 -4.03 -11.05 4.20
CA TYR A 418 -3.86 -11.78 2.94
C TYR A 418 -5.12 -11.57 2.12
N LEU A 419 -5.16 -10.44 1.41
CA LEU A 419 -6.41 -10.01 0.77
C LEU A 419 -6.75 -10.79 -0.50
N ASP A 420 -5.83 -11.67 -0.90
CA ASP A 420 -6.10 -12.62 -1.98
C ASP A 420 -6.95 -13.82 -1.51
N MET A 421 -7.19 -13.92 -0.19
CA MET A 421 -8.08 -14.98 0.30
C MET A 421 -9.52 -14.67 -0.11
N LYS A 422 -10.24 -15.70 -0.52
CA LYS A 422 -11.67 -15.59 -0.78
C LYS A 422 -12.37 -14.93 0.40
N TYR A 423 -13.38 -14.11 0.11
CA TYR A 423 -14.26 -13.61 1.17
C TYR A 423 -15.02 -14.75 1.82
N TYR A 424 -15.50 -15.69 0.99
CA TYR A 424 -16.34 -16.81 1.43
C TYR A 424 -16.02 -18.05 0.61
N SER A 425 -16.49 -19.19 1.11
CA SER A 425 -16.33 -20.45 0.41
C SER A 425 -16.67 -20.35 -1.08
N ASP A 426 -17.70 -19.57 -1.41
CA ASP A 426 -18.19 -19.48 -2.79
C ASP A 426 -17.64 -18.30 -3.61
N SER A 427 -16.62 -17.61 -3.10
CA SER A 427 -16.02 -16.52 -3.88
C SER A 427 -15.54 -17.03 -5.24
N PRO A 428 -15.77 -16.26 -6.31
CA PRO A 428 -15.40 -16.74 -7.66
C PRO A 428 -13.92 -16.62 -8.01
N ILE A 429 -13.17 -15.88 -7.20
CA ILE A 429 -11.73 -15.72 -7.35
C ILE A 429 -11.10 -15.76 -5.95
N GLY A 430 -9.79 -15.94 -5.89
CA GLY A 430 -9.08 -15.96 -4.62
C GLY A 430 -8.59 -17.34 -4.21
N LEU A 431 -7.70 -17.35 -3.22
CA LEU A 431 -7.19 -18.60 -2.65
C LEU A 431 -7.84 -18.80 -1.28
N GLN A 432 -7.48 -19.88 -0.60
CA GLN A 432 -8.08 -20.14 0.70
C GLN A 432 -7.19 -20.91 1.65
N TRP A 433 -5.88 -20.88 1.39
CA TRP A 433 -4.96 -21.63 2.26
C TRP A 433 -4.79 -21.02 3.66
N ARG A 434 -5.21 -19.75 3.85
CA ARG A 434 -5.26 -19.12 5.17
C ARG A 434 -6.70 -19.00 5.66
N GLY A 435 -7.58 -19.79 5.04
CA GLY A 435 -9.01 -19.70 5.32
C GLY A 435 -9.64 -18.53 4.58
N PHE A 436 -10.92 -18.28 4.83
CA PHE A 436 -11.62 -17.17 4.17
C PHE A 436 -11.39 -15.88 4.93
N VAL A 437 -11.33 -14.77 4.22
CA VAL A 437 -11.13 -13.49 4.88
C VAL A 437 -12.18 -12.51 4.40
N ASN A 438 -13.28 -12.39 5.15
CA ASN A 438 -14.30 -11.41 4.78
C ASN A 438 -13.93 -10.03 5.35
N THR A 439 -14.80 -9.05 5.11
CA THR A 439 -14.50 -7.68 5.50
C THR A 439 -14.35 -7.54 7.03
N ASN A 440 -15.13 -8.34 7.76
CA ASN A 440 -15.05 -8.39 9.22
C ASN A 440 -13.71 -9.00 9.70
N ARG A 441 -13.32 -10.12 9.11
CA ARG A 441 -12.04 -10.73 9.48
C ARG A 441 -10.86 -9.80 9.15
N ALA A 442 -10.98 -9.04 8.06
CA ALA A 442 -9.94 -8.10 7.67
C ALA A 442 -9.83 -6.92 8.64
N TYR A 443 -10.86 -6.74 9.48
CA TYR A 443 -10.91 -5.67 10.48
C TYR A 443 -10.58 -6.11 11.90
N ASN A 444 -11.08 -7.30 12.29
CA ASN A 444 -11.06 -7.74 13.68
C ASN A 444 -9.76 -8.45 14.06
N TRP A 445 -8.69 -7.67 14.11
CA TRP A 445 -7.38 -8.16 14.53
C TRP A 445 -6.53 -6.97 14.96
N ASP A 446 -5.39 -7.27 15.59
CA ASP A 446 -4.43 -6.26 15.94
C ASP A 446 -3.04 -6.77 15.59
N PRO A 447 -2.13 -5.87 15.15
CA PRO A 447 -0.77 -6.32 14.84
C PRO A 447 -0.08 -7.12 15.95
N THR A 448 -0.36 -6.81 17.23
CA THR A 448 0.18 -7.61 18.33
C THR A 448 -0.35 -9.06 18.40
N ASP A 449 -1.44 -9.35 17.69
CA ASP A 449 -1.91 -10.75 17.55
C ASP A 449 -0.89 -11.61 16.78
N CYS A 450 -0.21 -11.00 15.81
CA CYS A 450 0.69 -11.74 14.94
C CYS A 450 2.01 -12.01 15.66
N ILE A 451 2.51 -11.00 16.38
CA ILE A 451 3.80 -11.14 17.08
C ILE A 451 3.82 -10.32 18.38
N LYS A 452 4.35 -10.93 19.43
CA LYS A 452 4.47 -10.31 20.74
C LYS A 452 5.92 -9.94 20.99
N GLY A 453 6.14 -8.82 21.69
CA GLY A 453 7.47 -8.42 22.15
C GLY A 453 8.36 -7.82 21.07
N ALA A 454 7.76 -7.37 19.98
CA ALA A 454 8.50 -6.82 18.84
C ALA A 454 8.31 -5.33 18.67
N ASN A 455 9.22 -4.74 17.89
CA ASN A 455 9.08 -3.39 17.39
C ASN A 455 8.28 -3.51 16.11
N ILE A 456 6.98 -3.28 16.20
CA ILE A 456 6.10 -3.40 15.05
C ILE A 456 6.08 -2.09 14.26
N TYR A 457 6.69 -2.14 13.09
CA TYR A 457 6.79 -1.01 12.18
C TYR A 457 5.42 -0.72 11.57
N GLY A 458 4.68 -1.79 11.27
CA GLY A 458 3.32 -1.66 10.81
C GLY A 458 2.76 -2.89 10.14
N VAL A 459 1.87 -2.64 9.18
CA VAL A 459 1.01 -3.63 8.56
C VAL A 459 1.22 -3.58 7.05
N GLU A 460 1.18 -4.74 6.40
CA GLU A 460 1.10 -4.74 4.95
C GLU A 460 0.09 -5.75 4.44
N SER A 461 -0.87 -5.22 3.69
CA SER A 461 -1.89 -6.02 2.99
C SER A 461 -1.24 -6.59 1.75
N THR A 462 -1.32 -7.90 1.59
CA THR A 462 -0.65 -8.55 0.43
C THR A 462 -1.67 -9.04 -0.58
N LEU A 463 -1.62 -8.45 -1.78
CA LEU A 463 -2.50 -8.92 -2.85
C LEU A 463 -1.73 -9.74 -3.88
N TRP A 464 -1.61 -11.04 -3.58
CA TRP A 464 -1.07 -12.03 -4.50
C TRP A 464 -2.02 -12.21 -5.68
N THR A 465 -1.49 -12.60 -6.84
CA THR A 465 -2.35 -12.58 -8.02
C THR A 465 -2.45 -13.90 -8.78
N GLU A 466 -2.26 -15.03 -8.10
CA GLU A 466 -2.43 -16.34 -8.75
C GLU A 466 -3.74 -16.45 -9.53
N THR A 467 -4.80 -15.86 -8.99
CA THR A 467 -6.15 -16.03 -9.56
C THR A 467 -6.78 -14.72 -10.03
N PHE A 468 -6.02 -13.63 -10.02
CA PHE A 468 -6.53 -12.33 -10.44
C PHE A 468 -5.88 -11.91 -11.74
N VAL A 469 -6.71 -11.73 -12.76
CA VAL A 469 -6.26 -11.43 -14.12
C VAL A 469 -6.58 -9.98 -14.54
N THR A 470 -7.71 -9.48 -14.08
CA THR A 470 -8.21 -8.18 -14.55
C THR A 470 -8.22 -7.13 -13.45
N GLN A 471 -8.31 -5.86 -13.84
CA GLN A 471 -8.48 -4.78 -12.89
C GLN A 471 -9.72 -5.03 -12.01
N ASP A 472 -10.81 -5.48 -12.61
CA ASP A 472 -12.02 -5.73 -11.83
C ASP A 472 -11.76 -6.75 -10.70
N HIS A 473 -10.93 -7.75 -10.97
CA HIS A 473 -10.56 -8.73 -9.93
C HIS A 473 -9.85 -8.07 -8.77
N LEU A 474 -8.91 -7.19 -9.08
CA LEU A 474 -8.19 -6.45 -8.04
C LEU A 474 -9.14 -5.62 -7.20
N ASP A 475 -10.04 -4.88 -7.85
CA ASP A 475 -11.01 -4.04 -7.13
C ASP A 475 -11.88 -4.86 -6.19
N TYR A 476 -12.34 -6.00 -6.71
CA TYR A 476 -13.27 -6.86 -5.98
C TYR A 476 -12.64 -7.36 -4.70
N MET A 477 -11.36 -7.72 -4.76
CA MET A 477 -10.69 -8.31 -3.59
C MET A 477 -10.11 -7.26 -2.64
N LEU A 478 -9.70 -6.11 -3.18
CA LEU A 478 -9.17 -5.06 -2.33
C LEU A 478 -10.24 -4.21 -1.67
N TYR A 479 -11.43 -4.15 -2.26
CA TYR A 479 -12.48 -3.30 -1.74
C TYR A 479 -13.73 -4.11 -1.49
N PRO A 480 -14.21 -4.15 -0.22
CA PRO A 480 -13.75 -3.33 0.91
C PRO A 480 -12.62 -3.85 1.83
N LYS A 481 -12.00 -4.99 1.52
CA LYS A 481 -11.02 -5.58 2.46
C LYS A 481 -9.89 -4.64 2.90
N LEU A 482 -9.34 -3.90 1.92
CA LEU A 482 -8.25 -2.98 2.20
C LEU A 482 -8.67 -1.87 3.16
N LEU A 483 -9.94 -1.47 3.11
CA LEU A 483 -10.44 -0.44 4.01
C LEU A 483 -10.30 -0.90 5.46
N SER A 484 -10.64 -2.17 5.70
CA SER A 484 -10.48 -2.75 7.02
C SER A 484 -9.04 -2.73 7.48
N ASN A 485 -8.13 -3.23 6.65
CA ASN A 485 -6.71 -3.23 6.97
C ASN A 485 -6.14 -1.81 7.17
N ALA A 486 -6.58 -0.87 6.33
CA ALA A 486 -6.13 0.52 6.44
C ALA A 486 -6.49 1.13 7.79
N GLU A 487 -7.67 0.77 8.30
CA GLU A 487 -8.07 1.26 9.61
C GLU A 487 -7.28 0.60 10.74
N VAL A 488 -7.01 -0.70 10.61
CA VAL A 488 -6.13 -1.37 11.58
C VAL A 488 -4.75 -0.70 11.65
N GLY A 489 -4.26 -0.21 10.51
CA GLY A 489 -2.94 0.43 10.49
C GLY A 489 -2.95 1.84 11.05
N TRP A 490 -4.05 2.56 10.85
CA TRP A 490 -4.11 3.98 11.18
C TRP A 490 -4.72 4.25 12.56
N THR A 491 -5.87 3.61 12.85
CA THR A 491 -6.66 3.93 14.04
C THR A 491 -6.18 3.10 15.23
N ALA A 492 -6.04 3.75 16.39
CA ALA A 492 -5.61 3.04 17.61
C ALA A 492 -6.60 1.92 17.97
N ARG A 493 -6.07 0.81 18.50
CA ARG A 493 -6.90 -0.35 18.88
C ARG A 493 -8.09 0.02 19.76
N GLY A 494 -7.85 0.92 20.71
CA GLY A 494 -8.89 1.35 21.65
C GLY A 494 -10.09 2.00 20.99
N ASP A 495 -9.89 2.50 19.77
CA ASP A 495 -10.96 3.20 19.06
C ASP A 495 -11.49 2.40 17.86
N ARG A 496 -11.04 1.15 17.73
CA ARG A 496 -11.55 0.27 16.67
C ARG A 496 -12.66 -0.61 17.21
N ASN A 497 -13.76 -0.67 16.45
CA ASN A 497 -14.95 -1.40 16.87
C ASN A 497 -15.69 -1.79 15.58
N TRP A 498 -15.88 -3.08 15.35
CA TRP A 498 -16.50 -3.54 14.11
C TRP A 498 -17.90 -2.96 13.90
N ASP A 499 -18.73 -2.93 14.94
CA ASP A 499 -20.09 -2.41 14.78
C ASP A 499 -20.08 -0.98 14.27
N ASP A 500 -19.12 -0.19 14.77
CA ASP A 500 -18.91 1.19 14.32
C ASP A 500 -18.44 1.23 12.87
N PHE A 501 -17.35 0.53 12.58
CA PHE A 501 -16.77 0.49 11.24
C PHE A 501 -17.76 0.01 10.18
N LYS A 502 -18.51 -1.04 10.52
CA LYS A 502 -19.51 -1.60 9.61
C LYS A 502 -20.52 -0.53 9.18
N GLU A 503 -21.06 0.21 10.16
CA GLU A 503 -22.07 1.24 9.83
C GLU A 503 -21.43 2.36 9.02
N ARG A 504 -20.21 2.75 9.39
CA ARG A 504 -19.44 3.75 8.60
C ARG A 504 -19.18 3.27 7.16
N LEU A 505 -18.90 1.99 7.00
CA LEU A 505 -18.66 1.44 5.68
C LEU A 505 -19.92 1.43 4.81
N ILE A 506 -21.07 1.09 5.40
CA ILE A 506 -22.36 1.21 4.70
C ILE A 506 -22.50 2.63 4.17
N GLU A 507 -22.26 3.61 5.04
CA GLU A 507 -22.37 5.02 4.67
C GLU A 507 -21.41 5.41 3.55
N HIS A 508 -20.24 4.77 3.55
CA HIS A 508 -19.18 5.06 2.60
C HIS A 508 -19.44 4.46 1.20
N THR A 509 -20.32 3.47 1.11
CA THR A 509 -20.50 2.70 -0.14
C THR A 509 -20.66 3.55 -1.42
N PRO A 510 -21.52 4.59 -1.40
CA PRO A 510 -21.67 5.39 -2.64
C PRO A 510 -20.36 6.00 -3.11
N ARG A 511 -19.45 6.27 -2.17
CA ARG A 511 -18.16 6.84 -2.53
C ARG A 511 -17.33 5.84 -3.32
N LEU A 512 -17.38 4.56 -2.94
CA LEU A 512 -16.69 3.51 -3.70
C LEU A 512 -17.25 3.43 -5.11
N GLN A 513 -18.57 3.45 -5.23
CA GLN A 513 -19.21 3.42 -6.54
C GLN A 513 -18.82 4.63 -7.38
N ASN A 514 -18.82 5.81 -6.76
CA ASN A 514 -18.44 7.05 -7.46
C ASN A 514 -17.02 7.04 -8.00
N LYS A 515 -16.14 6.34 -7.30
CA LYS A 515 -14.74 6.21 -7.72
C LYS A 515 -14.54 5.18 -8.85
N GLY A 516 -15.60 4.45 -9.17
CA GLY A 516 -15.54 3.43 -10.20
C GLY A 516 -14.87 2.16 -9.71
N ILE A 517 -14.84 1.97 -8.38
CA ILE A 517 -14.25 0.76 -7.81
C ILE A 517 -15.26 -0.38 -7.93
N LYS A 518 -14.84 -1.48 -8.57
CA LYS A 518 -15.74 -2.64 -8.72
C LYS A 518 -15.63 -3.56 -7.49
N PHE A 519 -16.05 -2.98 -6.36
CA PHE A 519 -15.98 -3.64 -5.05
C PHE A 519 -16.95 -4.80 -4.91
N PHE A 520 -16.67 -5.65 -3.92
CA PHE A 520 -17.59 -6.72 -3.55
C PHE A 520 -18.55 -6.20 -2.50
N ALA A 521 -19.85 -6.36 -2.76
CA ALA A 521 -20.87 -5.99 -1.78
C ALA A 521 -20.98 -7.09 -0.73
N ASP A 522 -20.12 -7.03 0.28
CA ASP A 522 -19.98 -8.08 1.27
C ASP A 522 -21.25 -8.20 2.11
N PRO A 523 -21.88 -9.38 2.11
CA PRO A 523 -23.11 -9.57 2.92
C PRO A 523 -22.96 -9.42 4.45
N ILE A 524 -21.73 -9.35 4.95
CA ILE A 524 -21.52 -9.12 6.39
C ILE A 524 -21.59 -7.63 6.72
N VAL A 525 -21.67 -6.79 5.68
CA VAL A 525 -21.77 -5.34 5.86
C VAL A 525 -23.20 -4.85 5.61
S SO4 B . -15.24 32.06 10.36
O1 SO4 B . -14.07 31.58 9.63
O2 SO4 B . -15.09 31.73 11.79
O3 SO4 B . -16.44 31.39 9.85
O4 SO4 B . -15.35 33.50 10.17
CAA OGN C . 2.43 -18.16 -0.84
CAB OGN C . 3.62 -17.32 -1.39
CAC OGN C . 3.15 -16.26 -2.41
CAD OGN C . 1.71 -16.52 -2.88
CAE OGN C . 0.77 -16.48 -1.66
CAF OGN C . -0.68 -16.69 -2.07
CAG OGN C . 4.03 -15.79 0.52
CAH OGN C . 5.10 -15.15 1.38
NAI OGN C . 4.48 -16.64 -0.39
OAJ OGN C . 4.03 -16.28 -3.51
OAK OGN C . 1.65 -17.80 -3.53
OAL OGN C . 1.14 -17.50 -0.68
OAM OGN C . -1.51 -16.48 -0.93
OAN OGN C . 2.85 -15.53 0.68
NAO OGN C . 0.38 -21.71 0.77
CAP OGN C . 1.45 -20.95 1.00
OAQ OGN C . 1.42 -19.79 0.31
OAR OGN C . 2.38 -21.24 1.77
CAS OGN C . 0.05 -22.89 1.30
CAT OGN C . -0.88 -23.68 0.63
CAU OGN C . -1.28 -24.91 1.15
CAV OGN C . -0.75 -25.33 2.37
CAW OGN C . 0.17 -24.55 3.06
CAX OGN C . 0.57 -23.32 2.53
NAY OGN C . 2.68 -19.08 0.25
#